data_4MUQ
#
_entry.id   4MUQ
#
_cell.length_a   38.895
_cell.length_b   43.728
_cell.length_c   80.236
_cell.angle_alpha   90.00
_cell.angle_beta   99.20
_cell.angle_gamma   90.00
#
_symmetry.space_group_name_H-M   'P 1 21 1'
#
loop_
_entity.id
_entity.type
_entity.pdbx_description
1 polymer D,D-dipeptidase/D,D-carboxypeptidase
2 non-polymer 'ZINC ION'
3 non-polymer '(2R)-3-[(R)-[(1R)-1-aminoethyl](hydroxy)phosphoryl]-2-methylpropanoic acid'
4 non-polymer '(2R)-3-[(R)-[(1S)-1-aminoethyl](hydroxy)phosphoryl]-2-methylpropanoic acid'
5 non-polymer 1,2-ETHANEDIOL
6 non-polymer GLYCEROL
7 non-polymer 3,6,9,12,15,18,21,24,27,30,33,36,39-TRIDECAOXAHENTETRACONTANE-1,41-DIOL
8 water water
#
_entity_poly.entity_id   1
_entity_poly.type   'polypeptide(L)'
_entity_poly.pdbx_seq_one_letter_code
;GMMKTIELEKEEIYCGNLLLVNKNYPLRDNNVKGLVPADIRFPNILMKRDVANVLQLIFEKISAGNSIVPVSGYRSLEEQ
TAIYDGSLKDNGEDFTRKYVALPNHSEHQTGLAIDLGLNKKDIDFIRPDFPYDGICDEFRRAAPDYGFTQRYARDKEEIT
GISHEPWHFRYVGYPHSKIMQENGFSLEEYTQFIKAYLEDNKYLFEQAHRAEIEIYYVPAKDDKTLIKIPENCVYQISGN
NIDGFVVTIWRKTDD
;
_entity_poly.pdbx_strand_id   A
#
loop_
_chem_comp.id
_chem_comp.type
_chem_comp.name
_chem_comp.formula
2D8 non-polymer '(2R)-3-[(R)-[(1S)-1-aminoethyl](hydroxy)phosphoryl]-2-methylpropanoic acid' 'C6 H14 N O4 P'
EDO non-polymer 1,2-ETHANEDIOL 'C2 H6 O2'
GOL non-polymer GLYCEROL 'C3 H8 O3'
LY0 non-polymer '(2R)-3-[(R)-[(1R)-1-aminoethyl](hydroxy)phosphoryl]-2-methylpropanoic acid' 'C6 H14 N O4 P'
PE3 non-polymer 3,6,9,12,15,18,21,24,27,30,33,36,39-TRIDECAOXAHENTETRACONTANE-1,41-DIOL 'C28 H58 O15'
ZN non-polymer 'ZINC ION' 'Zn 2'
#
# COMPACT_ATOMS: atom_id res chain seq x y z
N GLY A 1 19.13 3.86 26.99
CA GLY A 1 18.12 3.28 27.86
C GLY A 1 17.97 1.78 27.68
N MET A 2 16.97 1.21 28.35
CA MET A 2 16.69 -0.20 28.26
C MET A 2 16.27 -0.60 26.85
N MET A 3 16.97 -1.57 26.28
CA MET A 3 16.60 -2.12 24.98
C MET A 3 15.72 -3.34 25.22
N LYS A 4 14.76 -3.57 24.34
CA LYS A 4 13.93 -4.77 24.47
C LYS A 4 14.03 -5.64 23.22
N THR A 5 13.87 -6.95 23.41
CA THR A 5 14.01 -7.90 22.32
C THR A 5 12.65 -8.32 21.79
N ILE A 6 12.52 -8.30 20.47
CA ILE A 6 11.32 -8.77 19.80
C ILE A 6 11.67 -10.05 19.05
N GLU A 7 10.91 -11.10 19.33
CA GLU A 7 11.15 -12.40 18.72
C GLU A 7 10.03 -12.71 17.72
N LEU A 8 10.40 -12.89 16.46
CA LEU A 8 9.41 -13.08 15.40
C LEU A 8 9.53 -14.44 14.71
N GLU A 9 8.40 -15.08 14.45
CA GLU A 9 8.37 -16.30 13.66
C GLU A 9 8.52 -15.94 12.20
N LYS A 10 9.09 -16.84 11.40
CA LYS A 10 9.33 -16.54 9.99
C LYS A 10 8.07 -16.15 9.24
N GLU A 11 6.94 -16.74 9.62
CA GLU A 11 5.69 -16.45 8.91
C GLU A 11 5.23 -15.00 9.07
N GLU A 12 5.78 -14.29 10.05
CA GLU A 12 5.43 -12.88 10.24
C GLU A 12 5.99 -11.99 9.14
N ILE A 13 6.88 -12.52 8.29
CA ILE A 13 7.31 -11.74 7.12
C ILE A 13 6.16 -11.50 6.14
N TYR A 14 5.06 -12.22 6.33
CA TYR A 14 3.95 -12.14 5.40
C TYR A 14 2.82 -11.26 5.94
N CYS A 15 3.12 -10.50 6.99
CA CYS A 15 2.20 -9.53 7.58
C CYS A 15 2.81 -8.13 7.64
N GLY A 16 1.99 -7.08 7.54
CA GLY A 16 2.45 -5.73 7.79
C GLY A 16 2.17 -4.69 6.70
N ASN A 17 2.45 -3.43 7.02
CA ASN A 17 2.17 -2.32 6.09
C ASN A 17 3.03 -2.31 4.84
N LEU A 18 4.18 -2.99 4.90
CA LEU A 18 5.15 -2.92 3.80
C LEU A 18 5.24 -4.16 2.93
N LEU A 19 4.21 -5.01 2.97
CA LEU A 19 4.22 -6.19 2.13
C LEU A 19 4.35 -5.81 0.66
N LEU A 20 5.28 -6.43 -0.04
CA LEU A 20 5.32 -6.33 -1.48
C LEU A 20 4.50 -7.48 -2.08
N VAL A 21 3.35 -7.16 -2.66
CA VAL A 21 2.44 -8.15 -3.23
C VAL A 21 2.35 -7.89 -4.72
N ASN A 22 2.81 -8.83 -5.52
CA ASN A 22 2.82 -8.66 -6.97
C ASN A 22 2.85 -10.04 -7.62
N LYS A 23 3.08 -10.10 -8.94
CA LYS A 23 3.07 -11.39 -9.63
CA LYS A 23 3.07 -11.38 -9.64
C LYS A 23 4.10 -12.35 -9.04
N ASN A 24 5.24 -11.81 -8.63
CA ASN A 24 6.32 -12.62 -8.07
C ASN A 24 6.04 -13.09 -6.64
N TYR A 25 5.32 -12.26 -5.88
CA TYR A 25 5.22 -12.46 -4.44
C TYR A 25 3.77 -12.43 -4.01
N PRO A 26 3.17 -13.62 -3.83
CA PRO A 26 1.74 -13.67 -3.51
C PRO A 26 1.44 -13.31 -2.06
N LEU A 27 0.17 -13.00 -1.79
CA LEU A 27 -0.32 -12.89 -0.43
C LEU A 27 -0.32 -14.29 0.16
N ARG A 28 0.23 -14.45 1.36
CA ARG A 28 0.27 -15.78 1.97
C ARG A 28 -0.58 -15.88 3.23
N ASP A 29 -0.89 -14.74 3.83
CA ASP A 29 -1.83 -14.69 4.94
C ASP A 29 -3.06 -13.91 4.51
N ASN A 30 -4.18 -14.59 4.42
CA ASN A 30 -5.44 -13.98 4.00
C ASN A 30 -6.18 -13.34 5.17
N ASN A 31 -5.70 -13.65 6.37
CA ASN A 31 -6.42 -13.32 7.60
C ASN A 31 -6.33 -11.86 8.00
N VAL A 32 -6.66 -10.97 7.06
CA VAL A 32 -6.77 -9.54 7.35
C VAL A 32 -7.87 -9.33 8.37
N LYS A 33 -7.57 -8.57 9.41
CA LYS A 33 -8.62 -8.13 10.31
C LYS A 33 -8.50 -6.64 10.62
N GLY A 34 -9.46 -6.13 11.40
CA GLY A 34 -9.53 -4.72 11.65
C GLY A 34 -10.07 -3.97 10.44
N LEU A 35 -10.84 -4.67 9.60
CA LEU A 35 -11.47 -4.03 8.45
C LEU A 35 -12.68 -3.27 8.92
N VAL A 36 -12.81 -2.03 8.42
CA VAL A 36 -13.97 -1.21 8.73
C VAL A 36 -14.38 -0.46 7.47
N PRO A 37 -15.64 -0.01 7.41
CA PRO A 37 -16.05 0.79 6.26
C PRO A 37 -15.22 2.07 6.19
N ALA A 38 -14.77 2.44 5.01
CA ALA A 38 -13.92 3.60 4.85
C ALA A 38 -14.67 4.89 5.16
N ASP A 39 -15.96 4.90 4.86
CA ASP A 39 -16.77 6.10 5.01
C ASP A 39 -18.23 5.68 5.17
N ILE A 40 -18.96 6.41 6.02
CA ILE A 40 -20.40 6.26 6.22
C ILE A 40 -21.18 6.28 4.91
N ARG A 41 -20.66 7.03 3.94
CA ARG A 41 -21.32 7.19 2.65
C ARG A 41 -21.11 5.99 1.75
N PHE A 42 -20.14 5.15 2.10
CA PHE A 42 -19.80 3.97 1.30
C PHE A 42 -19.58 2.74 2.19
N PRO A 43 -20.66 2.23 2.78
CA PRO A 43 -20.55 1.16 3.79
C PRO A 43 -19.93 -0.14 3.27
N ASN A 44 -19.97 -0.35 1.96
CA ASN A 44 -19.52 -1.63 1.43
C ASN A 44 -18.09 -1.61 0.95
N ILE A 45 -17.44 -0.46 1.11
CA ILE A 45 -16.02 -0.35 0.80
CA ILE A 45 -16.02 -0.34 0.79
C ILE A 45 -15.22 -0.38 2.09
N LEU A 46 -14.57 -1.51 2.36
CA LEU A 46 -13.84 -1.68 3.61
C LEU A 46 -12.36 -1.43 3.41
N MET A 47 -11.69 -0.97 4.48
CA MET A 47 -10.25 -0.81 4.52
CA MET A 47 -10.24 -0.84 4.51
C MET A 47 -9.78 -1.16 5.91
N LYS A 48 -8.48 -1.41 6.07
CA LYS A 48 -7.95 -1.54 7.42
C LYS A 48 -8.24 -0.22 8.18
N ARG A 49 -8.60 -0.35 9.46
CA ARG A 49 -9.06 0.77 10.27
C ARG A 49 -8.11 1.97 10.24
N ASP A 50 -6.83 1.74 10.47
CA ASP A 50 -5.88 2.85 10.50
C ASP A 50 -5.75 3.51 9.14
N VAL A 51 -5.88 2.72 8.08
CA VAL A 51 -5.83 3.23 6.71
C VAL A 51 -7.08 4.09 6.37
N ALA A 52 -8.25 3.63 6.79
CA ALA A 52 -9.49 4.41 6.64
C ALA A 52 -9.33 5.74 7.36
N ASN A 53 -8.72 5.73 8.53
CA ASN A 53 -8.53 6.97 9.27
C ASN A 53 -7.62 7.94 8.52
N VAL A 54 -6.55 7.41 7.92
CA VAL A 54 -5.63 8.26 7.18
C VAL A 54 -6.31 8.87 5.95
N LEU A 55 -7.12 8.06 5.27
CA LEU A 55 -7.84 8.53 4.10
C LEU A 55 -8.72 9.72 4.48
N GLN A 56 -9.43 9.61 5.60
CA GLN A 56 -10.25 10.71 6.07
C GLN A 56 -9.42 11.97 6.34
N LEU A 57 -8.23 11.81 6.93
CA LEU A 57 -7.34 12.94 7.16
C LEU A 57 -6.96 13.64 5.85
N ILE A 58 -6.67 12.87 4.80
CA ILE A 58 -6.29 13.47 3.53
C ILE A 58 -7.48 14.22 2.91
N PHE A 59 -8.65 13.58 2.92
CA PHE A 59 -9.87 14.20 2.39
C PHE A 59 -10.16 15.50 3.14
N GLU A 60 -9.95 15.51 4.45
CA GLU A 60 -10.10 16.73 5.25
C GLU A 60 -9.12 17.80 4.80
N LYS A 61 -7.87 17.39 4.63
CA LYS A 61 -6.78 18.33 4.35
C LYS A 61 -6.98 19.06 3.02
N ILE A 62 -7.47 18.34 2.02
CA ILE A 62 -7.65 18.91 0.69
C ILE A 62 -9.09 19.40 0.43
N SER A 63 -9.95 19.31 1.43
CA SER A 63 -11.35 19.71 1.30
C SER A 63 -12.05 19.03 0.12
N ALA A 64 -11.94 17.71 0.06
CA ALA A 64 -12.46 16.93 -1.05
C ALA A 64 -13.99 16.96 -1.10
N GLY A 65 -14.62 17.11 0.05
CA GLY A 65 -16.07 17.07 0.13
C GLY A 65 -16.59 15.74 -0.39
N ASN A 66 -17.40 15.80 -1.44
CA ASN A 66 -17.92 14.61 -2.09
C ASN A 66 -17.35 14.43 -3.49
N SER A 67 -16.30 15.19 -3.82
CA SER A 67 -15.77 15.17 -5.18
CA SER A 67 -15.71 15.20 -5.16
C SER A 67 -14.96 13.91 -5.49
N ILE A 68 -14.45 13.25 -4.45
CA ILE A 68 -13.73 11.99 -4.64
C ILE A 68 -14.50 10.88 -3.97
N VAL A 69 -14.71 9.78 -4.70
CA VAL A 69 -15.37 8.64 -4.12
C VAL A 69 -14.48 7.40 -4.12
N PRO A 70 -14.60 6.60 -3.06
CA PRO A 70 -13.90 5.32 -3.04
C PRO A 70 -14.66 4.37 -3.95
N VAL A 71 -13.95 3.70 -4.84
CA VAL A 71 -14.52 2.82 -5.83
C VAL A 71 -14.33 1.36 -5.43
N SER A 72 -13.16 1.04 -4.88
CA SER A 72 -12.87 -0.32 -4.47
C SER A 72 -11.81 -0.29 -3.40
N GLY A 73 -12.07 -0.96 -2.28
CA GLY A 73 -11.10 -1.08 -1.19
C GLY A 73 -10.70 -2.52 -0.99
N TYR A 74 -10.99 -3.06 0.18
CA TYR A 74 -10.71 -4.48 0.41
C TYR A 74 -11.49 -5.33 -0.56
N ARG A 75 -10.82 -6.31 -1.15
CA ARG A 75 -11.50 -7.35 -1.94
C ARG A 75 -11.07 -8.71 -1.44
N SER A 76 -12.04 -9.59 -1.30
CA SER A 76 -11.78 -10.97 -0.94
C SER A 76 -11.25 -11.74 -2.14
N LEU A 77 -10.78 -12.95 -1.89
CA LEU A 77 -10.29 -13.79 -2.96
C LEU A 77 -11.36 -14.08 -4.01
N GLU A 78 -12.58 -14.40 -3.56
CA GLU A 78 -13.65 -14.64 -4.53
C GLU A 78 -13.94 -13.41 -5.39
N GLU A 79 -13.92 -12.22 -4.80
CA GLU A 79 -14.17 -11.02 -5.58
CA GLU A 79 -14.13 -10.99 -5.55
C GLU A 79 -13.04 -10.79 -6.61
N GLN A 80 -11.79 -10.95 -6.20
CA GLN A 80 -10.69 -10.74 -7.13
C GLN A 80 -10.75 -11.75 -8.28
N THR A 81 -11.12 -12.98 -7.96
CA THR A 81 -11.25 -14.03 -8.96
C THR A 81 -12.36 -13.68 -9.96
N ALA A 82 -13.50 -13.22 -9.44
CA ALA A 82 -14.61 -12.81 -10.30
C ALA A 82 -14.21 -11.65 -11.21
N ILE A 83 -13.47 -10.69 -10.67
CA ILE A 83 -13.06 -9.55 -11.49
C ILE A 83 -12.13 -10.02 -12.60
N TYR A 84 -11.16 -10.86 -12.24
CA TYR A 84 -10.20 -11.35 -13.22
C TYR A 84 -10.91 -12.14 -14.32
N ASP A 85 -11.72 -13.12 -13.93
CA ASP A 85 -12.41 -13.95 -14.91
C ASP A 85 -13.41 -13.16 -15.75
N GLY A 86 -14.08 -12.19 -15.12
CA GLY A 86 -15.00 -11.34 -15.84
C GLY A 86 -14.29 -10.49 -16.87
N SER A 87 -13.09 -10.03 -16.52
CA SER A 87 -12.31 -9.22 -17.44
C SER A 87 -11.77 -10.06 -18.60
N LEU A 88 -11.44 -11.32 -18.33
CA LEU A 88 -11.06 -12.21 -19.42
C LEU A 88 -12.15 -12.23 -20.47
N LYS A 89 -13.39 -12.35 -20.02
CA LYS A 89 -14.53 -12.42 -20.93
CA LYS A 89 -14.52 -12.42 -20.93
C LYS A 89 -14.84 -11.09 -21.61
N ASP A 90 -14.84 -10.02 -20.82
CA ASP A 90 -15.25 -8.71 -21.38
C ASP A 90 -14.15 -8.04 -22.18
N ASN A 91 -12.93 -8.12 -21.66
CA ASN A 91 -11.84 -7.26 -22.11
C ASN A 91 -10.72 -8.01 -22.82
N GLY A 92 -10.68 -9.33 -22.63
CA GLY A 92 -9.64 -10.15 -23.23
C GLY A 92 -8.41 -10.34 -22.35
N GLU A 93 -7.59 -11.29 -22.73
CA GLU A 93 -6.45 -11.74 -21.95
C GLU A 93 -5.35 -10.68 -21.77
N ASP A 94 -5.02 -9.99 -22.86
CA ASP A 94 -3.94 -9.00 -22.78
C ASP A 94 -4.29 -7.85 -21.83
N PHE A 95 -5.49 -7.31 -21.99
CA PHE A 95 -5.95 -6.24 -21.11
C PHE A 95 -5.98 -6.70 -19.66
N THR A 96 -6.55 -7.88 -19.44
CA THR A 96 -6.68 -8.39 -18.08
C THR A 96 -5.33 -8.58 -17.40
N ARG A 97 -4.36 -9.13 -18.12
CA ARG A 97 -3.04 -9.33 -17.54
CA ARG A 97 -3.02 -9.32 -17.56
C ARG A 97 -2.39 -8.01 -17.13
N LYS A 98 -2.71 -6.94 -17.85
CA LYS A 98 -2.12 -5.62 -17.60
C LYS A 98 -2.85 -4.79 -16.55
N TYR A 99 -4.13 -5.04 -16.36
CA TYR A 99 -4.96 -4.19 -15.50
C TYR A 99 -5.66 -4.91 -14.34
N VAL A 100 -5.47 -6.21 -14.20
CA VAL A 100 -6.08 -6.92 -13.08
C VAL A 100 -5.04 -7.86 -12.48
N ALA A 101 -4.75 -7.71 -11.19
CA ALA A 101 -3.83 -8.64 -10.55
C ALA A 101 -4.41 -10.06 -10.50
N LEU A 102 -3.54 -11.05 -10.60
CA LEU A 102 -3.95 -12.42 -10.35
C LEU A 102 -4.55 -12.56 -8.96
N PRO A 103 -5.56 -13.43 -8.81
CA PRO A 103 -6.04 -13.74 -7.47
C PRO A 103 -4.88 -14.17 -6.56
N ASN A 104 -4.89 -13.65 -5.34
CA ASN A 104 -3.82 -13.82 -4.35
C ASN A 104 -2.55 -13.04 -4.67
N HIS A 105 -2.62 -12.16 -5.67
CA HIS A 105 -1.49 -11.27 -5.97
C HIS A 105 -1.96 -9.83 -6.02
N SER A 106 -3.16 -9.55 -5.50
CA SER A 106 -3.71 -8.19 -5.49
C SER A 106 -3.54 -7.51 -4.14
N GLU A 107 -3.03 -6.28 -4.15
CA GLU A 107 -3.00 -5.46 -2.94
C GLU A 107 -4.35 -5.21 -2.36
N HIS A 108 -5.40 -5.33 -3.18
CA HIS A 108 -6.73 -5.10 -2.61
C HIS A 108 -7.10 -6.14 -1.56
N GLN A 109 -6.48 -7.32 -1.64
CA GLN A 109 -6.74 -8.38 -0.67
C GLN A 109 -6.06 -8.12 0.68
N THR A 110 -5.32 -7.02 0.81
CA THR A 110 -4.64 -6.71 2.07
C THR A 110 -5.39 -5.67 2.94
N GLY A 111 -6.35 -4.96 2.34
CA GLY A 111 -6.97 -3.85 3.04
C GLY A 111 -6.16 -2.56 3.03
N LEU A 112 -5.04 -2.56 2.32
CA LEU A 112 -4.13 -1.40 2.25
C LEU A 112 -4.27 -0.60 0.97
N ALA A 113 -5.08 -1.09 0.02
CA ALA A 113 -5.19 -0.43 -1.28
C ALA A 113 -6.58 0.08 -1.54
N ILE A 114 -6.64 1.22 -2.21
CA ILE A 114 -7.91 1.80 -2.57
C ILE A 114 -7.85 2.37 -3.99
N ASP A 115 -8.94 2.15 -4.72
CA ASP A 115 -9.15 2.80 -6.02
C ASP A 115 -10.07 3.98 -5.78
N LEU A 116 -9.67 5.15 -6.27
CA LEU A 116 -10.44 6.37 -6.12
C LEU A 116 -10.89 6.91 -7.47
N GLY A 117 -12.01 7.62 -7.48
CA GLY A 117 -12.49 8.21 -8.71
C GLY A 117 -13.17 9.53 -8.50
N LEU A 118 -13.22 10.32 -9.57
CA LEU A 118 -14.03 11.53 -9.62
C LEU A 118 -15.49 11.20 -9.37
N ASN A 119 -16.16 12.00 -8.55
CA ASN A 119 -17.57 11.76 -8.29
C ASN A 119 -18.42 12.16 -9.49
N LYS A 120 -18.78 11.16 -10.29
CA LYS A 120 -19.71 11.35 -11.38
C LYS A 120 -20.67 10.16 -11.36
N LYS A 121 -21.89 10.35 -11.85
CA LYS A 121 -22.91 9.31 -11.72
C LYS A 121 -22.58 7.97 -12.41
N ASP A 122 -21.73 8.01 -13.42
CA ASP A 122 -21.27 6.78 -14.05
C ASP A 122 -19.75 6.66 -13.95
N ILE A 123 -19.29 5.65 -13.22
CA ILE A 123 -17.86 5.45 -12.99
C ILE A 123 -17.45 4.05 -13.43
N ASP A 124 -16.39 3.96 -14.23
CA ASP A 124 -15.89 2.65 -14.64
C ASP A 124 -15.21 1.97 -13.46
N PHE A 125 -15.74 0.82 -13.07
CA PHE A 125 -15.25 0.10 -11.91
C PHE A 125 -13.80 -0.37 -12.06
N ILE A 126 -13.45 -0.86 -13.24
CA ILE A 126 -12.10 -1.37 -13.49
C ILE A 126 -11.07 -0.25 -13.70
N ARG A 127 -11.47 0.79 -14.43
CA ARG A 127 -10.59 1.92 -14.70
CA ARG A 127 -10.58 1.92 -14.68
CA ARG A 127 -10.58 1.92 -14.65
C ARG A 127 -11.26 3.27 -14.42
N PRO A 128 -11.43 3.63 -13.14
CA PRO A 128 -12.11 4.87 -12.77
C PRO A 128 -11.31 6.13 -13.10
N ASP A 129 -12.01 7.24 -13.31
CA ASP A 129 -11.38 8.50 -13.67
C ASP A 129 -10.78 9.20 -12.44
N PHE A 130 -9.46 9.37 -12.46
CA PHE A 130 -8.75 10.06 -11.38
C PHE A 130 -7.63 10.86 -12.03
N PRO A 131 -7.98 12.01 -12.62
CA PRO A 131 -7.03 12.76 -13.45
C PRO A 131 -5.88 13.40 -12.68
N TYR A 132 -4.93 13.93 -13.44
CA TYR A 132 -3.76 14.58 -12.89
C TYR A 132 -4.01 16.09 -12.85
N ASP A 133 -5.27 16.45 -12.58
CA ASP A 133 -5.70 17.83 -12.42
C ASP A 133 -6.66 17.95 -11.25
N GLY A 134 -6.87 19.17 -10.80
CA GLY A 134 -7.90 19.47 -9.82
C GLY A 134 -7.76 18.71 -8.52
N ILE A 135 -8.91 18.41 -7.91
CA ILE A 135 -8.97 17.81 -6.59
C ILE A 135 -8.29 16.44 -6.52
N CYS A 136 -8.39 15.65 -7.60
CA CYS A 136 -7.77 14.34 -7.61
C CYS A 136 -6.26 14.46 -7.54
N ASP A 137 -5.71 15.47 -8.21
CA ASP A 137 -4.26 15.68 -8.15
C ASP A 137 -3.83 16.29 -6.82
N GLU A 138 -4.70 17.07 -6.20
CA GLU A 138 -4.45 17.54 -4.83
C GLU A 138 -4.32 16.34 -3.89
N PHE A 139 -5.20 15.36 -4.04
CA PHE A 139 -5.08 14.14 -3.28
C PHE A 139 -3.74 13.46 -3.55
N ARG A 140 -3.43 13.29 -4.83
CA ARG A 140 -2.25 12.55 -5.24
C ARG A 140 -0.98 13.21 -4.69
N ARG A 141 -0.95 14.53 -4.68
CA ARG A 141 0.23 15.26 -4.21
CA ARG A 141 0.24 15.23 -4.20
C ARG A 141 0.33 15.28 -2.67
N ALA A 142 -0.81 15.20 -1.98
CA ALA A 142 -0.81 15.16 -0.52
C ALA A 142 -0.54 13.76 0.05
N ALA A 143 -0.93 12.74 -0.71
CA ALA A 143 -0.90 11.37 -0.24
C ALA A 143 0.40 10.91 0.43
N PRO A 144 1.58 11.21 -0.17
CA PRO A 144 2.81 10.69 0.45
C PRO A 144 3.14 11.31 1.80
N ASP A 145 2.57 12.48 2.11
CA ASP A 145 2.74 13.07 3.42
C ASP A 145 1.98 12.31 4.50
N TYR A 146 1.07 11.42 4.08
CA TYR A 146 0.19 10.73 5.02
C TYR A 146 0.34 9.22 5.02
N GLY A 147 1.18 8.69 4.14
CA GLY A 147 1.38 7.25 4.13
C GLY A 147 0.96 6.53 2.86
N PHE A 148 0.39 7.25 1.91
CA PHE A 148 -0.08 6.65 0.65
C PHE A 148 0.85 6.93 -0.52
N THR A 149 0.89 6.00 -1.48
CA THR A 149 1.66 6.17 -2.70
C THR A 149 0.80 5.77 -3.89
N GLN A 150 0.97 6.43 -5.04
CA GLN A 150 0.32 5.94 -6.24
C GLN A 150 1.11 4.73 -6.72
N ARG A 151 0.45 3.59 -6.80
CA ARG A 151 1.14 2.32 -6.88
C ARG A 151 1.76 2.00 -8.24
N TYR A 152 1.07 2.35 -9.32
CA TYR A 152 1.39 1.86 -10.65
C TYR A 152 1.61 3.01 -11.60
N ALA A 153 2.87 3.43 -11.71
CA ALA A 153 3.24 4.54 -12.59
C ALA A 153 3.58 4.05 -13.99
N ARG A 154 3.38 4.92 -14.99
CA ARG A 154 3.73 4.57 -16.36
C ARG A 154 5.21 4.19 -16.50
N ASP A 155 6.10 4.93 -15.83
CA ASP A 155 7.53 4.64 -16.00
C ASP A 155 8.05 3.41 -15.27
N LYS A 156 7.16 2.70 -14.57
CA LYS A 156 7.56 1.53 -13.80
C LYS A 156 6.84 0.25 -14.22
N GLU A 157 6.15 0.30 -15.36
CA GLU A 157 5.35 -0.84 -15.82
C GLU A 157 6.13 -2.14 -15.93
N GLU A 158 7.38 -2.05 -16.36
CA GLU A 158 8.18 -3.25 -16.56
CA GLU A 158 8.20 -3.24 -16.56
C GLU A 158 8.57 -3.91 -15.24
N ILE A 159 8.63 -3.14 -14.17
CA ILE A 159 8.95 -3.77 -12.88
C ILE A 159 7.75 -4.02 -11.98
N THR A 160 6.66 -3.28 -12.13
CA THR A 160 5.44 -3.60 -11.38
C THR A 160 4.66 -4.72 -12.05
N GLY A 161 4.84 -4.88 -13.36
CA GLY A 161 4.04 -5.82 -14.12
C GLY A 161 2.60 -5.41 -14.36
N ILE A 162 2.26 -4.16 -14.05
CA ILE A 162 0.89 -3.66 -14.18
C ILE A 162 0.97 -2.35 -14.95
N SER A 163 0.01 -2.11 -15.85
CA SER A 163 0.00 -0.85 -16.59
C SER A 163 -0.25 0.35 -15.68
N HIS A 164 0.13 1.52 -16.17
CA HIS A 164 -0.18 2.80 -15.54
C HIS A 164 -1.64 2.84 -15.04
N GLU A 165 -1.83 3.10 -13.75
CA GLU A 165 -3.16 3.27 -13.18
C GLU A 165 -3.23 4.57 -12.37
N PRO A 166 -3.87 5.60 -12.92
CA PRO A 166 -3.99 6.86 -12.18
C PRO A 166 -4.71 6.74 -10.83
N TRP A 167 -5.53 5.69 -10.68
CA TRP A 167 -6.55 5.65 -9.61
C TRP A 167 -6.21 4.82 -8.39
N HIS A 168 -5.17 4.00 -8.45
CA HIS A 168 -4.90 2.99 -7.42
C HIS A 168 -3.82 3.44 -6.44
N PHE A 169 -4.20 3.54 -5.16
CA PHE A 169 -3.27 4.03 -4.14
C PHE A 169 -3.05 2.97 -3.08
N ARG A 170 -1.82 2.88 -2.63
CA ARG A 170 -1.40 1.88 -1.65
C ARG A 170 -0.89 2.54 -0.38
N TYR A 171 -1.41 2.13 0.76
CA TYR A 171 -0.88 2.60 2.04
C TYR A 171 0.35 1.79 2.42
N VAL A 172 1.47 2.48 2.64
CA VAL A 172 2.70 1.87 3.18
C VAL A 172 3.06 2.46 4.52
N GLY A 173 2.44 3.58 4.88
CA GLY A 173 2.76 4.27 6.10
C GLY A 173 3.83 5.34 5.93
N TYR A 174 3.74 6.37 6.77
CA TYR A 174 4.76 7.41 6.83
C TYR A 174 5.90 6.88 7.70
N PRO A 175 7.17 7.20 7.36
CA PRO A 175 7.64 8.07 6.29
C PRO A 175 7.99 7.33 5.00
N HIS A 176 7.71 6.04 4.94
CA HIS A 176 8.05 5.25 3.77
C HIS A 176 7.51 5.86 2.49
N SER A 177 6.25 6.31 2.53
CA SER A 177 5.63 6.91 1.36
C SER A 177 6.36 8.16 0.89
N LYS A 178 6.89 8.92 1.84
CA LYS A 178 7.60 10.15 1.54
C LYS A 178 8.98 9.85 0.95
N ILE A 179 9.65 8.85 1.52
CA ILE A 179 10.96 8.45 1.02
C ILE A 179 10.78 7.93 -0.42
N MET A 180 9.71 7.19 -0.68
CA MET A 180 9.45 6.72 -2.04
C MET A 180 9.20 7.88 -2.99
N GLN A 181 8.46 8.88 -2.53
CA GLN A 181 8.17 10.06 -3.33
C GLN A 181 9.46 10.81 -3.65
N GLU A 182 10.30 11.03 -2.65
CA GLU A 182 11.54 11.77 -2.83
C GLU A 182 12.48 11.10 -3.83
N ASN A 183 12.46 9.77 -3.86
CA ASN A 183 13.37 9.02 -4.72
C ASN A 183 12.75 8.55 -6.04
N GLY A 184 11.46 8.82 -6.22
CA GLY A 184 10.71 8.33 -7.38
C GLY A 184 10.59 6.81 -7.43
N PHE A 185 10.43 6.18 -6.27
CA PHE A 185 10.44 4.71 -6.18
C PHE A 185 9.06 4.11 -6.29
N SER A 186 8.95 3.04 -7.06
CA SER A 186 7.86 2.08 -6.92
C SER A 186 8.08 1.30 -5.63
N LEU A 187 7.07 0.59 -5.17
CA LEU A 187 7.23 -0.24 -3.98
C LEU A 187 8.28 -1.32 -4.19
N GLU A 188 8.36 -1.88 -5.40
CA GLU A 188 9.42 -2.84 -5.75
C GLU A 188 10.80 -2.26 -5.49
N GLU A 189 11.02 -1.04 -5.97
CA GLU A 189 12.31 -0.38 -5.77
C GLU A 189 12.60 -0.12 -4.31
N TYR A 190 11.60 0.35 -3.57
CA TYR A 190 11.78 0.64 -2.15
C TYR A 190 12.12 -0.64 -1.36
N THR A 191 11.49 -1.74 -1.73
CA THR A 191 11.72 -3.02 -1.05
C THR A 191 13.18 -3.44 -1.19
N GLN A 192 13.75 -3.27 -2.38
CA GLN A 192 15.18 -3.52 -2.57
C GLN A 192 16.06 -2.46 -1.88
N PHE A 193 15.69 -1.20 -2.04
CA PHE A 193 16.48 -0.08 -1.52
C PHE A 193 16.77 -0.22 -0.03
N ILE A 194 15.72 -0.51 0.74
CA ILE A 194 15.88 -0.53 2.20
C ILE A 194 16.78 -1.66 2.70
N LYS A 195 16.95 -2.71 1.90
CA LYS A 195 17.83 -3.81 2.30
C LYS A 195 19.30 -3.39 2.38
N ALA A 196 19.62 -2.20 1.87
CA ALA A 196 20.97 -1.65 1.96
C ALA A 196 21.24 -1.06 3.33
N TYR A 197 20.19 -0.90 4.13
CA TYR A 197 20.31 -0.29 5.45
C TYR A 197 19.99 -1.29 6.55
N LEU A 198 21.03 -1.90 7.12
CA LEU A 198 20.85 -2.86 8.20
C LEU A 198 20.92 -2.15 9.55
N GLU A 199 20.79 -2.89 10.64
CA GLU A 199 20.73 -2.25 11.95
C GLU A 199 21.97 -1.43 12.28
N ASP A 200 23.11 -1.84 11.73
CA ASP A 200 24.36 -1.14 12.01
C ASP A 200 24.65 -0.04 11.00
N ASN A 201 23.76 0.14 10.02
CA ASN A 201 23.76 1.32 9.17
C ASN A 201 22.34 1.71 8.79
N LYS A 202 21.61 2.19 9.80
CA LYS A 202 20.20 2.54 9.64
C LYS A 202 20.01 3.71 8.67
N TYR A 203 18.84 3.76 8.05
CA TYR A 203 18.43 4.90 7.24
C TYR A 203 17.88 5.97 8.16
N LEU A 204 18.28 7.22 7.94
CA LEU A 204 17.80 8.33 8.75
C LEU A 204 16.81 9.21 7.98
N PHE A 205 15.59 9.32 8.49
CA PHE A 205 14.60 10.24 7.93
C PHE A 205 14.39 11.39 8.91
N GLU A 206 14.62 12.61 8.43
CA GLU A 206 14.44 13.77 9.28
C GLU A 206 13.91 14.96 8.51
N GLN A 207 12.97 15.68 9.11
CA GLN A 207 12.60 17.00 8.64
C GLN A 207 12.16 17.93 9.77
N ALA A 208 12.65 19.17 9.69
CA ALA A 208 12.25 20.28 10.57
C ALA A 208 11.97 19.91 12.03
N HIS A 209 10.95 20.55 12.60
CA HIS A 209 10.63 20.28 13.99
C HIS A 209 9.56 19.22 14.24
N ARG A 210 10.01 17.99 13.98
CA ARG A 210 9.36 16.76 14.39
C ARG A 210 10.56 15.89 14.69
N ALA A 211 10.36 14.74 15.34
CA ALA A 211 11.48 13.88 15.68
C ALA A 211 12.09 13.15 14.48
N GLU A 212 13.30 12.65 14.67
CA GLU A 212 13.96 11.84 13.65
C GLU A 212 13.34 10.45 13.62
N ILE A 213 13.35 9.84 12.44
CA ILE A 213 12.90 8.47 12.29
C ILE A 213 14.01 7.65 11.65
N GLU A 214 14.29 6.50 12.24
CA GLU A 214 15.26 5.58 11.65
C GLU A 214 14.56 4.35 11.12
N ILE A 215 15.07 3.84 9.99
CA ILE A 215 14.48 2.67 9.33
C ILE A 215 15.60 1.70 8.98
N TYR A 216 15.37 0.41 9.20
CA TYR A 216 16.36 -0.59 8.81
C TYR A 216 15.72 -1.93 8.50
N TYR A 217 16.47 -2.74 7.75
CA TYR A 217 16.03 -4.05 7.33
C TYR A 217 16.69 -5.12 8.19
N VAL A 218 15.92 -6.17 8.51
CA VAL A 218 16.42 -7.32 9.24
C VAL A 218 16.04 -8.57 8.47
N PRO A 219 17.02 -9.34 7.98
CA PRO A 219 16.67 -10.57 7.26
C PRO A 219 16.05 -11.62 8.17
N ALA A 220 15.05 -12.34 7.68
CA ALA A 220 14.42 -13.39 8.48
C ALA A 220 15.30 -14.62 8.57
N LYS A 221 15.41 -15.16 9.77
CA LYS A 221 16.06 -16.45 9.96
C LYS A 221 15.04 -17.55 9.67
N ASP A 222 15.51 -18.77 9.48
CA ASP A 222 14.63 -19.88 9.15
C ASP A 222 13.57 -20.14 10.22
N ASP A 223 13.87 -19.77 11.46
CA ASP A 223 12.99 -20.01 12.59
C ASP A 223 12.55 -18.71 13.26
N LYS A 224 13.24 -18.36 14.35
CA LYS A 224 12.96 -17.12 15.07
C LYS A 224 13.97 -16.03 14.71
N THR A 225 13.45 -14.84 14.41
CA THR A 225 14.29 -13.69 14.12
C THR A 225 14.27 -12.80 15.36
N LEU A 226 15.44 -12.34 15.77
CA LEU A 226 15.54 -11.50 16.94
C LEU A 226 15.85 -10.06 16.57
N ILE A 227 15.03 -9.14 17.07
CA ILE A 227 15.16 -7.71 16.80
C ILE A 227 15.22 -7.00 18.14
N LYS A 228 16.10 -6.01 18.26
CA LYS A 228 16.09 -5.22 19.49
C LYS A 228 15.63 -3.77 19.27
N ILE A 229 14.84 -3.29 20.22
CA ILE A 229 14.14 -2.01 20.11
C ILE A 229 14.34 -1.25 21.42
N PRO A 230 14.53 0.07 21.34
CA PRO A 230 14.52 0.84 22.59
C PRO A 230 13.13 0.84 23.22
N GLU A 231 13.09 0.65 24.53
CA GLU A 231 11.86 0.87 25.30
C GLU A 231 11.47 2.33 25.16
N ASN A 232 12.48 3.15 24.84
CA ASN A 232 12.35 4.59 24.75
C ASN A 232 11.97 5.06 23.35
N CYS A 233 11.06 4.33 22.71
CA CYS A 233 10.61 4.73 21.38
C CYS A 233 9.26 4.15 20.98
N VAL A 234 8.57 4.88 20.11
CA VAL A 234 7.44 4.35 19.37
C VAL A 234 8.04 3.68 18.15
N TYR A 235 7.61 2.45 17.86
CA TYR A 235 8.18 1.70 16.74
C TYR A 235 7.14 0.89 15.98
N GLN A 236 7.50 0.55 14.75
CA GLN A 236 6.69 -0.34 13.91
C GLN A 236 7.59 -1.39 13.31
N ILE A 237 7.03 -2.57 13.09
CA ILE A 237 7.71 -3.62 12.35
C ILE A 237 6.77 -4.18 11.29
N SER A 238 7.28 -4.37 10.08
CA SER A 238 6.50 -5.03 9.04
C SER A 238 7.33 -6.09 8.35
N GLY A 239 6.71 -7.16 7.91
CA GLY A 239 7.34 -8.02 6.93
C GLY A 239 7.39 -7.34 5.57
N ASN A 240 8.26 -7.81 4.68
CA ASN A 240 8.25 -7.30 3.31
C ASN A 240 7.61 -8.25 2.31
N ASN A 241 7.10 -9.37 2.84
CA ASN A 241 6.41 -10.40 2.07
C ASN A 241 7.34 -11.34 1.31
N ILE A 242 8.64 -11.20 1.57
CA ILE A 242 9.62 -11.95 0.79
C ILE A 242 10.66 -12.65 1.65
N ASP A 243 11.39 -11.88 2.45
CA ASP A 243 12.58 -12.43 3.07
C ASP A 243 12.96 -11.81 4.39
N GLY A 244 12.20 -10.85 4.90
CA GLY A 244 12.61 -10.20 6.13
C GLY A 244 11.67 -9.10 6.59
N PHE A 245 12.22 -8.26 7.46
CA PHE A 245 11.43 -7.28 8.19
C PHE A 245 12.00 -5.89 7.99
N VAL A 246 11.11 -4.90 8.01
CA VAL A 246 11.49 -3.50 8.03
C VAL A 246 11.05 -2.90 9.37
N VAL A 247 12.00 -2.29 10.07
CA VAL A 247 11.77 -1.73 11.38
C VAL A 247 11.82 -0.20 11.30
N THR A 248 10.81 0.45 11.87
CA THR A 248 10.72 1.91 11.88
C THR A 248 10.72 2.38 13.31
N ILE A 249 11.70 3.21 13.67
CA ILE A 249 11.87 3.69 15.04
C ILE A 249 11.70 5.19 15.08
N TRP A 250 10.80 5.68 15.92
CA TRP A 250 10.56 7.10 16.07
C TRP A 250 11.35 7.57 17.29
N ARG A 251 12.30 8.47 17.05
CA ARG A 251 13.23 8.91 18.09
C ARG A 251 12.62 9.97 19.00
ZN ZN B . -6.93 -1.00 -7.47
P LY0 C . -7.10 -2.49 -9.91
C1 LY0 C . -8.92 -3.95 -11.11
N1 LY0 C . -8.08 -2.16 -12.36
C2 LY0 C . -8.50 -2.49 -11.06
C4 LY0 C . -5.77 -3.56 -10.52
C5 LY0 C . -4.85 -4.05 -9.45
C6 LY0 C . -5.48 -5.25 -8.74
C7 LY0 C . -3.52 -4.42 -10.09
O31 LY0 C . -7.58 -3.05 -8.55
O32 LY0 C . -6.66 -1.01 -9.64
O61 LY0 C . -5.21 -5.38 -7.55
O62 LY0 C . -6.19 -6.02 -9.37
C4 2D8 D . -5.77 -3.55 -10.51
C5 2D8 D . -4.85 -4.05 -9.45
C6 2D8 D . -5.48 -5.25 -8.74
C7 2D8 D . -3.52 -4.42 -10.09
N1 2D8 D . -9.41 -1.55 -10.80
P 2D8 D . -7.10 -2.48 -9.90
C1 2D8 D . -8.93 -3.92 -11.13
C2 2D8 D . -8.42 -2.49 -11.15
O31 2D8 D . -7.59 -3.05 -8.56
O32 2D8 D . -6.66 -1.01 -9.64
O61 2D8 D . -5.21 -5.39 -7.55
O62 2D8 D . -6.19 -6.02 -9.37
C1 EDO E . 3.47 -4.57 -17.97
O1 EDO E . 2.97 -5.74 -18.63
C2 EDO E . 2.31 -3.61 -17.72
O2 EDO E . 1.87 -2.96 -18.92
C1 GOL F . 6.53 7.70 -18.11
O1 GOL F . 7.64 6.91 -18.48
C2 GOL F . 6.82 8.61 -16.93
O2 GOL F . 7.14 9.90 -17.41
C3 GOL F . 5.59 8.70 -16.04
O3 GOL F . 5.52 7.66 -15.08
C1 GOL G . -18.29 18.14 -3.28
O1 GOL G . -18.47 17.94 -4.66
C2 GOL G . -19.39 19.05 -2.71
O2 GOL G . -20.35 18.27 -2.03
C3 GOL G . -18.76 20.04 -1.74
O3 GOL G . -19.28 19.83 -0.46
O43 PE3 H . 10.13 -10.23 -12.96
C42 PE3 H . 9.22 -9.20 -12.58
C41 PE3 H . 8.20 -8.87 -13.69
O40 PE3 H . 7.33 -7.84 -13.16
C39 PE3 H . 6.81 -8.47 -11.99
C38 PE3 H . 5.89 -7.76 -11.07
O37 PE3 H . 5.70 -8.79 -10.09
O43 PE3 I . 3.40 7.74 16.17
C42 PE3 I . 3.39 7.29 14.82
C41 PE3 I . 2.66 5.95 14.70
O40 PE3 I . 3.29 4.94 15.50
C39 PE3 I . 2.58 3.68 15.36
C38 PE3 I . 3.19 2.54 16.18
O37 PE3 I . 3.20 2.84 17.58
O40 PE3 J . -6.23 -10.61 -25.11
C39 PE3 J . -6.17 -9.97 -26.39
C38 PE3 J . -7.12 -10.51 -27.45
O37 PE3 J . -8.55 -10.45 -27.22
C36 PE3 J . -9.01 -9.11 -26.98
C35 PE3 J . -10.53 -8.86 -26.90
O34 PE3 J . -11.42 -9.48 -25.93
C33 PE3 J . -11.56 -10.88 -26.09
C32 PE3 J . -12.53 -11.32 -25.02
O31 PE3 J . -13.76 -10.61 -25.26
O43 PE3 K . -11.09 -5.36 14.83
C42 PE3 K . -11.23 -6.65 15.44
C41 PE3 K . -12.17 -7.53 14.63
O40 PE3 K . -11.62 -7.68 13.32
C39 PE3 K . -12.36 -8.52 12.40
C38 PE3 K . -13.80 -8.17 11.99
O37 PE3 K . -14.75 -8.14 13.07
#